data_1C1H
#
_entry.id   1C1H
#
_cell.length_a   49.97
_cell.length_b   58.68
_cell.length_c   98.05
_cell.angle_alpha   90.00
_cell.angle_beta   90.00
_cell.angle_gamma   90.00
#
_symmetry.space_group_name_H-M   'P 21 21 21'
#
loop_
_entity.id
_entity.type
_entity.pdbx_description
1 polymer FERROCHELATASE
2 non-polymer 'MAGNESIUM ION'
3 non-polymer N-METHYLMESOPORPHYRIN
4 water water
#
_entity_poly.entity_id   1
_entity_poly.type   'polypeptide(L)'
_entity_poly.pdbx_seq_one_letter_code
;MSRKKMGLLVMAYGTPYKEEDIERYYTHIRRGRKPEPEMLQDLKDRYEAIGGISPLAQITEQQAHNLEQHLNEIQDEITF
KAYIGLKHIEPFIEDAVAEMHKDGITEAVSIVLAPHFSTFSVQSYNKRAKEEAEKLGGLTITSVESWYDEPKFVTYWVDR
VKETYASMPEDERENAMLIVSAHSLPEKIKEFGDPYPDQLHESAKLIAEGAGVSEYAVGWQSEGNTPDPWLGPDVQDLTR
DLFEQKGYQAFVYVPVGFVADHLEVLYDNDYECKVVTDDIGASYYRPEMPNAKPEFIDALATVVLKKLGR
;
_entity_poly.pdbx_strand_id   A
#
# COMPACT_ATOMS: atom_id res chain seq x y z
N LYS A 5 -16.77 -16.78 16.77
CA LYS A 5 -16.41 -15.39 16.33
C LYS A 5 -14.90 -15.25 16.23
N MET A 6 -14.42 -15.00 15.01
CA MET A 6 -12.99 -14.87 14.74
C MET A 6 -12.53 -13.44 14.52
N GLY A 7 -11.32 -13.14 14.99
CA GLY A 7 -10.78 -11.81 14.82
C GLY A 7 -10.21 -11.61 13.43
N LEU A 8 -10.37 -10.40 12.91
CA LEU A 8 -9.84 -10.03 11.61
C LEU A 8 -8.93 -8.85 11.86
N LEU A 9 -7.64 -9.10 11.97
CA LEU A 9 -6.65 -8.05 12.23
C LEU A 9 -6.16 -7.43 10.93
N VAL A 10 -6.57 -6.18 10.68
CA VAL A 10 -6.18 -5.47 9.48
C VAL A 10 -5.09 -4.47 9.85
N MET A 11 -3.91 -4.62 9.25
CA MET A 11 -2.80 -3.74 9.58
C MET A 11 -2.31 -2.87 8.44
N ALA A 12 -1.73 -1.72 8.80
CA ALA A 12 -1.21 -0.80 7.82
C ALA A 12 -0.21 0.13 8.49
N TYR A 13 0.49 0.91 7.68
CA TYR A 13 1.48 1.86 8.19
C TYR A 13 0.81 2.89 9.09
N GLY A 14 -0.32 3.41 8.62
CA GLY A 14 -1.05 4.40 9.36
C GLY A 14 -0.88 5.82 8.84
N THR A 15 -1.91 6.65 9.05
CA THR A 15 -1.92 8.04 8.65
C THR A 15 -2.67 8.79 9.76
N PRO A 16 -2.21 10.00 10.13
CA PRO A 16 -2.92 10.73 11.18
C PRO A 16 -4.42 10.91 10.92
N TYR A 17 -5.24 10.77 11.97
CA TYR A 17 -6.68 10.93 11.84
C TYR A 17 -7.04 12.41 11.91
N LYS A 18 -6.15 13.21 12.49
CA LYS A 18 -6.36 14.65 12.63
C LYS A 18 -5.09 15.42 12.32
N GLU A 19 -5.25 16.62 11.78
CA GLU A 19 -4.11 17.48 11.44
C GLU A 19 -3.21 17.66 12.66
N GLU A 20 -3.84 17.80 13.82
CA GLU A 20 -3.12 18.00 15.08
C GLU A 20 -2.25 16.82 15.48
N ASP A 21 -2.42 15.67 14.81
CA ASP A 21 -1.65 14.48 15.14
C ASP A 21 -0.41 14.26 14.28
N ILE A 22 -0.22 15.11 13.27
CA ILE A 22 0.93 14.97 12.38
C ILE A 22 2.30 14.96 13.08
N GLU A 23 2.56 15.93 13.95
CA GLU A 23 3.87 15.96 14.62
C GLU A 23 4.17 14.70 15.41
N ARG A 24 3.18 14.22 16.14
CA ARG A 24 3.33 13.00 16.94
C ARG A 24 3.57 11.80 16.03
N TYR A 25 2.89 11.78 14.89
CA TYR A 25 3.04 10.70 13.90
C TYR A 25 4.47 10.72 13.38
N TYR A 26 4.96 11.91 13.06
CA TYR A 26 6.30 12.09 12.54
C TYR A 26 7.32 11.63 13.59
N THR A 27 7.07 12.00 14.84
CA THR A 27 7.95 11.63 15.95
C THR A 27 8.04 10.11 16.08
N HIS A 28 6.90 9.45 15.91
CA HIS A 28 6.83 7.99 16.00
C HIS A 28 7.65 7.37 14.89
N ILE A 29 7.53 7.91 13.67
CA ILE A 29 8.29 7.41 12.54
C ILE A 29 9.78 7.60 12.77
N ARG A 30 10.12 8.72 13.40
CA ARG A 30 11.53 9.02 13.70
C ARG A 30 11.99 8.35 15.00
N ARG A 31 11.21 7.37 15.45
CA ARG A 31 11.54 6.62 16.67
C ARG A 31 11.85 7.48 17.90
N GLY A 32 10.92 8.33 18.28
CA GLY A 32 11.12 9.14 19.48
C GLY A 32 11.73 10.51 19.35
N ARG A 33 12.13 10.89 18.15
N ARG A 33 12.11 10.89 18.15
CA ARG A 33 12.73 12.20 17.92
CA ARG A 33 12.72 12.20 17.96
C ARG A 33 11.74 13.13 17.23
C ARG A 33 11.77 13.12 17.21
N LYS A 34 11.38 14.22 17.88
CA LYS A 34 10.47 15.18 17.27
C LYS A 34 11.07 15.68 15.98
N PRO A 35 10.25 15.88 14.94
CA PRO A 35 10.80 16.37 13.69
C PRO A 35 11.24 17.83 13.85
N GLU A 36 12.21 18.24 13.05
CA GLU A 36 12.67 19.62 13.09
C GLU A 36 11.50 20.48 12.65
N PRO A 37 11.41 21.72 13.15
CA PRO A 37 10.33 22.65 12.80
C PRO A 37 9.99 22.71 11.31
N GLU A 38 11.00 22.93 10.49
CA GLU A 38 10.81 23.03 9.06
C GLU A 38 10.44 21.70 8.44
N MET A 39 11.04 20.64 8.97
CA MET A 39 10.77 19.28 8.49
C MET A 39 9.29 18.98 8.73
N LEU A 40 8.79 19.37 9.90
CA LEU A 40 7.40 19.17 10.24
C LEU A 40 6.49 19.97 9.32
N GLN A 41 6.80 21.24 9.15
CA GLN A 41 6.00 22.11 8.30
C GLN A 41 5.90 21.58 6.87
N ASP A 42 7.01 21.04 6.38
CA ASP A 42 7.06 20.49 5.03
C ASP A 42 6.04 19.36 4.85
N LEU A 43 5.94 18.49 5.84
CA LEU A 43 4.99 17.38 5.79
C LEU A 43 3.57 17.92 5.87
N LYS A 44 3.35 18.88 6.76
CA LYS A 44 2.03 19.48 6.92
C LYS A 44 1.60 20.11 5.60
N ASP A 45 2.54 20.74 4.91
CA ASP A 45 2.25 21.39 3.64
C ASP A 45 1.83 20.38 2.57
N ARG A 46 2.45 19.21 2.57
CA ARG A 46 2.09 18.20 1.59
C ARG A 46 0.66 17.71 1.81
N TYR A 47 0.28 17.53 3.07
CA TYR A 47 -1.09 17.11 3.35
C TYR A 47 -2.04 18.19 2.86
N GLU A 48 -1.66 19.45 3.07
CA GLU A 48 -2.48 20.58 2.60
C GLU A 48 -2.58 20.52 1.08
N ALA A 49 -1.43 20.32 0.45
CA ALA A 49 -1.35 20.28 -1.01
C ALA A 49 -2.30 19.28 -1.62
N ILE A 50 -2.56 18.17 -0.94
CA ILE A 50 -3.47 17.16 -1.47
C ILE A 50 -4.91 17.32 -0.97
N GLY A 51 -5.23 18.50 -0.45
CA GLY A 51 -6.58 18.76 0.02
C GLY A 51 -6.89 18.58 1.49
N GLY A 52 -5.90 18.19 2.29
CA GLY A 52 -6.15 18.00 3.70
C GLY A 52 -5.99 16.55 4.09
N ILE A 53 -5.63 16.31 5.35
CA ILE A 53 -5.42 14.94 5.81
C ILE A 53 -6.66 14.18 6.27
N SER A 54 -7.69 14.88 6.72
CA SER A 54 -8.91 14.23 7.23
C SER A 54 -9.47 13.01 6.49
N PRO A 55 -9.58 13.07 5.15
CA PRO A 55 -10.13 11.94 4.39
C PRO A 55 -9.30 10.64 4.44
N LEU A 56 -7.99 10.79 4.44
CA LEU A 56 -7.07 9.66 4.42
C LEU A 56 -7.28 8.50 5.40
N ALA A 57 -7.19 8.77 6.70
CA ALA A 57 -7.36 7.71 7.71
C ALA A 57 -8.70 7.01 7.59
N GLN A 58 -9.70 7.71 7.07
CA GLN A 58 -11.03 7.14 6.94
C GLN A 58 -11.09 6.00 5.91
N ILE A 59 -10.20 6.03 4.92
CA ILE A 59 -10.18 4.99 3.89
C ILE A 59 -9.81 3.65 4.51
N THR A 60 -8.77 3.64 5.34
CA THR A 60 -8.35 2.41 5.99
C THR A 60 -9.50 1.88 6.84
N GLU A 61 -10.18 2.78 7.55
CA GLU A 61 -11.32 2.40 8.39
C GLU A 61 -12.39 1.73 7.55
N GLN A 62 -12.67 2.33 6.39
CA GLN A 62 -13.68 1.79 5.48
C GLN A 62 -13.25 0.45 4.88
N GLN A 63 -11.97 0.30 4.60
CA GLN A 63 -11.46 -0.94 4.04
C GLN A 63 -11.65 -2.06 5.04
N ALA A 64 -11.35 -1.79 6.31
CA ALA A 64 -11.49 -2.79 7.35
C ALA A 64 -12.95 -3.10 7.63
N HIS A 65 -13.77 -2.07 7.71
CA HIS A 65 -15.20 -2.24 7.98
C HIS A 65 -15.89 -2.98 6.84
N ASN A 66 -15.59 -2.58 5.61
CA ASN A 66 -16.21 -3.21 4.45
C ASN A 66 -15.79 -4.67 4.31
N LEU A 67 -14.53 -4.95 4.62
CA LEU A 67 -14.00 -6.32 4.54
C LEU A 67 -14.73 -7.19 5.54
N GLU A 68 -14.90 -6.68 6.76
CA GLU A 68 -15.60 -7.41 7.81
C GLU A 68 -17.02 -7.73 7.35
N GLN A 69 -17.71 -6.71 6.86
CA GLN A 69 -19.08 -6.83 6.39
C GLN A 69 -19.24 -7.85 5.26
N HIS A 70 -18.36 -7.74 4.26
CA HIS A 70 -18.39 -8.63 3.11
C HIS A 70 -18.12 -10.08 3.50
N LEU A 71 -17.14 -10.29 4.37
CA LEU A 71 -16.80 -11.65 4.80
C LEU A 71 -17.95 -12.31 5.56
N ASN A 72 -18.69 -11.53 6.34
CA ASN A 72 -19.81 -12.08 7.10
C ASN A 72 -21.03 -12.27 6.21
N GLU A 73 -21.01 -11.63 5.05
CA GLU A 73 -22.10 -11.68 4.10
C GLU A 73 -21.98 -12.87 3.12
N ILE A 74 -20.79 -13.05 2.55
CA ILE A 74 -20.56 -14.12 1.57
C ILE A 74 -20.55 -15.56 2.10
N GLN A 75 -20.27 -15.75 3.38
CA GLN A 75 -20.26 -17.08 3.96
C GLN A 75 -20.94 -17.06 5.32
N ASP A 76 -21.43 -18.21 5.77
CA ASP A 76 -22.14 -18.28 7.04
C ASP A 76 -21.51 -19.18 8.11
N GLU A 77 -20.25 -19.56 7.92
CA GLU A 77 -19.58 -20.42 8.89
C GLU A 77 -18.85 -19.64 9.98
N ILE A 78 -18.20 -18.54 9.58
CA ILE A 78 -17.44 -17.71 10.51
C ILE A 78 -17.97 -16.29 10.62
N THR A 79 -18.00 -15.76 11.84
CA THR A 79 -18.43 -14.39 12.07
C THR A 79 -17.16 -13.62 12.41
N PHE A 80 -16.73 -12.75 11.50
CA PHE A 80 -15.51 -11.99 11.72
C PHE A 80 -15.76 -10.67 12.44
N LYS A 81 -14.75 -10.23 13.19
CA LYS A 81 -14.78 -8.97 13.93
C LYS A 81 -13.46 -8.29 13.57
N ALA A 82 -13.54 -7.15 12.88
CA ALA A 82 -12.33 -6.44 12.46
C ALA A 82 -11.71 -5.58 13.55
N TYR A 83 -10.39 -5.57 13.57
CA TYR A 83 -9.61 -4.76 14.49
C TYR A 83 -8.47 -4.17 13.67
N ILE A 84 -8.37 -2.84 13.66
CA ILE A 84 -7.31 -2.18 12.90
C ILE A 84 -6.10 -2.03 13.79
N GLY A 85 -4.93 -2.36 13.25
CA GLY A 85 -3.68 -2.24 13.98
C GLY A 85 -2.72 -1.50 13.08
N LEU A 86 -2.26 -0.34 13.51
CA LEU A 86 -1.35 0.48 12.71
C LEU A 86 0.06 0.61 13.29
N LYS A 87 1.04 0.79 12.41
CA LYS A 87 2.43 0.90 12.82
C LYS A 87 2.78 2.18 13.57
N HIS A 88 2.31 3.33 13.08
CA HIS A 88 2.65 4.61 13.71
C HIS A 88 1.50 5.47 14.18
N ILE A 89 0.31 4.88 14.22
CA ILE A 89 -0.87 5.60 14.65
C ILE A 89 -1.74 4.73 15.55
N GLU A 90 -2.35 5.34 16.55
CA GLU A 90 -3.21 4.58 17.43
C GLU A 90 -4.51 4.35 16.67
N PRO A 91 -5.11 3.16 16.79
CA PRO A 91 -4.65 2.03 17.61
C PRO A 91 -3.44 1.30 17.02
N PHE A 92 -2.39 1.16 17.83
CA PHE A 92 -1.17 0.46 17.42
C PHE A 92 -1.45 -1.03 17.31
N ILE A 93 -0.59 -1.72 16.57
CA ILE A 93 -0.72 -3.15 16.37
C ILE A 93 -0.90 -3.92 17.68
N GLU A 94 -0.02 -3.65 18.66
CA GLU A 94 -0.09 -4.32 19.95
C GLU A 94 -1.42 -4.06 20.64
N ASP A 95 -1.89 -2.82 20.58
CA ASP A 95 -3.15 -2.46 21.22
C ASP A 95 -4.33 -3.17 20.57
N ALA A 96 -4.25 -3.38 19.26
CA ALA A 96 -5.32 -4.07 18.57
C ALA A 96 -5.37 -5.51 19.07
N VAL A 97 -4.20 -6.12 19.19
CA VAL A 97 -4.12 -7.50 19.67
C VAL A 97 -4.62 -7.56 21.11
N ALA A 98 -4.26 -6.54 21.89
CA ALA A 98 -4.67 -6.46 23.28
C ALA A 98 -6.19 -6.41 23.38
N GLU A 99 -6.81 -5.61 22.52
CA GLU A 99 -8.26 -5.52 22.56
C GLU A 99 -8.92 -6.82 22.12
N MET A 100 -8.37 -7.49 21.11
CA MET A 100 -8.97 -8.76 20.68
C MET A 100 -8.93 -9.73 21.85
N HIS A 101 -7.78 -9.77 22.52
CA HIS A 101 -7.58 -10.65 23.66
C HIS A 101 -8.56 -10.31 24.78
N LYS A 102 -8.68 -9.03 25.07
CA LYS A 102 -9.60 -8.57 26.10
C LYS A 102 -11.04 -8.92 25.72
N ASP A 103 -11.35 -8.86 24.43
CA ASP A 103 -12.70 -9.17 23.95
C ASP A 103 -13.05 -10.65 23.97
N GLY A 104 -12.05 -11.51 24.19
CA GLY A 104 -12.30 -12.93 24.24
C GLY A 104 -11.96 -13.70 22.97
N ILE A 105 -11.44 -13.00 21.97
CA ILE A 105 -11.06 -13.64 20.71
C ILE A 105 -9.93 -14.63 20.99
N THR A 106 -10.05 -15.86 20.49
CA THR A 106 -9.00 -16.84 20.69
C THR A 106 -8.29 -17.18 19.39
N GLU A 107 -8.94 -16.83 18.28
CA GLU A 107 -8.37 -17.07 16.96
C GLU A 107 -8.60 -15.85 16.09
N ALA A 108 -7.58 -15.46 15.35
CA ALA A 108 -7.69 -14.32 14.47
C ALA A 108 -6.85 -14.52 13.22
N VAL A 109 -7.31 -13.93 12.13
CA VAL A 109 -6.58 -13.99 10.87
C VAL A 109 -6.12 -12.55 10.65
N SER A 110 -4.90 -12.35 10.19
CA SER A 110 -4.42 -10.99 9.97
C SER A 110 -4.05 -10.79 8.52
N ILE A 111 -4.12 -9.54 8.08
CA ILE A 111 -3.77 -9.20 6.71
C ILE A 111 -3.26 -7.77 6.71
N VAL A 112 -2.18 -7.54 5.97
CA VAL A 112 -1.62 -6.19 5.87
C VAL A 112 -2.09 -5.58 4.57
N LEU A 113 -2.44 -4.30 4.60
CA LEU A 113 -2.91 -3.59 3.42
C LEU A 113 -1.75 -3.15 2.53
N ALA A 114 -0.97 -4.15 2.11
CA ALA A 114 0.18 -3.96 1.22
C ALA A 114 0.29 -5.36 0.61
N PRO A 115 0.03 -5.48 -0.70
CA PRO A 115 0.07 -6.78 -1.39
C PRO A 115 1.40 -7.51 -1.46
N HIS A 116 2.51 -6.79 -1.42
CA HIS A 116 3.80 -7.44 -1.52
C HIS A 116 4.42 -7.64 -0.15
N PHE A 117 5.03 -8.81 0.03
CA PHE A 117 5.69 -9.15 1.28
C PHE A 117 7.04 -8.44 1.38
N SER A 118 7.36 -7.97 2.58
CA SER A 118 8.65 -7.34 2.82
C SER A 118 8.93 -7.52 4.31
N THR A 119 10.19 -7.49 4.68
CA THR A 119 10.55 -7.68 6.08
C THR A 119 10.15 -6.47 6.92
N PHE A 120 10.44 -5.28 6.41
N PHE A 120 10.28 -5.29 6.35
CA PHE A 120 10.15 -4.04 7.13
CA PHE A 120 9.93 -4.04 7.03
C PHE A 120 8.67 -3.76 7.31
C PHE A 120 8.42 -3.69 7.04
N SER A 121 7.86 -4.18 6.35
N SER A 121 7.68 -4.15 6.04
CA SER A 121 6.43 -3.95 6.47
CA SER A 121 6.25 -3.80 5.95
C SER A 121 5.71 -5.19 7.02
C SER A 121 5.17 -4.85 6.18
N VAL A 122 5.54 -6.13 6.21
N VAL A 122 5.19 -6.00 6.10
CA VAL A 122 4.55 -7.17 6.46
CA VAL A 122 4.45 -7.20 6.48
C VAL A 122 5.02 -8.09 7.58
C VAL A 122 5.02 -8.07 7.61
N GLN A 123 6.24 -8.58 7.44
CA GLN A 123 6.83 -9.47 8.45
C GLN A 123 6.95 -8.83 9.82
N SER A 124 7.35 -7.56 9.89
CA SER A 124 7.50 -6.90 11.18
C SER A 124 6.15 -6.75 11.87
N TYR A 125 5.11 -6.47 11.10
CA TYR A 125 3.76 -6.31 11.66
C TYR A 125 3.27 -7.65 12.19
N ASN A 126 3.36 -8.68 11.36
CA ASN A 126 2.92 -10.02 11.76
C ASN A 126 3.66 -10.50 13.00
N LYS A 127 4.97 -10.24 13.03
CA LYS A 127 5.82 -10.64 14.14
C LYS A 127 5.39 -9.95 15.43
N ARG A 128 5.16 -8.65 15.34
CA ARG A 128 4.74 -7.87 16.51
C ARG A 128 3.37 -8.30 17.01
N ALA A 129 2.48 -8.63 16.07
CA ALA A 129 1.13 -9.06 16.42
C ALA A 129 1.17 -10.42 17.14
N LYS A 130 1.94 -11.35 16.60
CA LYS A 130 2.04 -12.70 17.18
C LYS A 130 2.76 -12.71 18.52
N GLU A 131 3.77 -11.85 18.67
CA GLU A 131 4.51 -11.81 19.92
C GLU A 131 3.64 -11.25 21.04
N GLU A 132 2.80 -10.27 20.72
CA GLU A 132 1.89 -9.70 21.72
C GLU A 132 0.85 -10.75 22.09
N ALA A 133 0.34 -11.46 21.08
CA ALA A 133 -0.66 -12.50 21.31
C ALA A 133 -0.08 -13.59 22.19
N GLU A 134 1.19 -13.95 21.94
CA GLU A 134 1.87 -14.97 22.72
C GLU A 134 1.99 -14.51 24.17
N LYS A 135 2.37 -13.25 24.33
CA LYS A 135 2.55 -12.64 25.64
C LYS A 135 1.27 -12.64 26.46
N LEU A 136 0.15 -12.34 25.81
CA LEU A 136 -1.13 -12.31 26.50
C LEU A 136 -1.66 -13.73 26.74
N GLY A 137 -1.42 -14.61 25.77
CA GLY A 137 -1.85 -15.99 25.88
C GLY A 137 -3.29 -16.27 25.49
N GLY A 138 -3.52 -17.44 24.89
CA GLY A 138 -4.86 -17.83 24.50
C GLY A 138 -5.36 -17.22 23.20
N LEU A 139 -4.45 -16.65 22.43
CA LEU A 139 -4.83 -16.03 21.15
C LEU A 139 -3.86 -16.45 20.05
N THR A 140 -4.38 -17.13 19.05
CA THR A 140 -3.57 -17.60 17.94
C THR A 140 -3.89 -16.82 16.66
N ILE A 141 -2.86 -16.18 16.10
CA ILE A 141 -3.03 -15.40 14.89
C ILE A 141 -2.44 -16.12 13.67
N THR A 142 -3.23 -16.20 12.60
CA THR A 142 -2.80 -16.82 11.35
C THR A 142 -2.63 -15.62 10.41
N SER A 143 -1.41 -15.40 9.94
CA SER A 143 -1.15 -14.22 9.11
C SER A 143 -0.92 -14.39 7.61
N VAL A 144 -1.61 -13.56 6.84
CA VAL A 144 -1.45 -13.53 5.39
C VAL A 144 -0.13 -12.78 5.23
N GLU A 145 0.72 -13.25 4.32
CA GLU A 145 2.03 -12.61 4.12
C GLU A 145 2.16 -11.85 2.81
N SER A 146 1.44 -12.29 1.78
CA SER A 146 1.46 -11.60 0.50
C SER A 146 0.22 -12.00 -0.28
N TRP A 147 -0.30 -11.10 -1.10
CA TRP A 147 -1.48 -11.41 -1.88
C TRP A 147 -1.49 -10.68 -3.23
N TYR A 148 -0.33 -10.18 -3.64
CA TYR A 148 -0.25 -9.47 -4.92
C TYR A 148 -0.69 -10.36 -6.09
N ASP A 149 -0.61 -11.68 -5.90
CA ASP A 149 -0.98 -12.62 -6.96
C ASP A 149 -2.40 -13.17 -6.91
N GLU A 150 -3.22 -12.67 -5.99
CA GLU A 150 -4.61 -13.12 -5.93
C GLU A 150 -5.23 -12.70 -7.27
N PRO A 151 -5.75 -13.67 -8.04
CA PRO A 151 -6.34 -13.33 -9.34
C PRO A 151 -7.29 -12.13 -9.37
N LYS A 152 -8.10 -11.97 -8.33
CA LYS A 152 -9.05 -10.86 -8.26
C LYS A 152 -8.38 -9.49 -8.11
N PHE A 153 -7.25 -9.45 -7.41
CA PHE A 153 -6.52 -8.21 -7.22
C PHE A 153 -5.81 -7.87 -8.54
N VAL A 154 -5.17 -8.87 -9.15
CA VAL A 154 -4.49 -8.66 -10.41
C VAL A 154 -5.53 -8.14 -11.42
N THR A 155 -6.70 -8.78 -11.45
CA THR A 155 -7.75 -8.38 -12.37
C THR A 155 -8.19 -6.93 -12.13
N TYR A 156 -8.21 -6.50 -10.87
CA TYR A 156 -8.61 -5.13 -10.58
C TYR A 156 -7.71 -4.16 -11.33
N TRP A 157 -6.39 -4.35 -11.20
CA TRP A 157 -5.45 -3.46 -11.86
C TRP A 157 -5.39 -3.65 -13.36
N VAL A 158 -5.57 -4.89 -13.82
CA VAL A 158 -5.55 -5.17 -15.24
C VAL A 158 -6.67 -4.39 -15.92
N ASP A 159 -7.88 -4.45 -15.36
CA ASP A 159 -9.03 -3.75 -15.93
C ASP A 159 -8.86 -2.22 -15.87
N ARG A 160 -8.30 -1.71 -14.79
CA ARG A 160 -8.08 -0.27 -14.69
C ARG A 160 -7.09 0.16 -15.76
N VAL A 161 -6.07 -0.66 -16.01
CA VAL A 161 -5.07 -0.35 -17.03
C VAL A 161 -5.69 -0.43 -18.41
N LYS A 162 -6.48 -1.45 -18.66
CA LYS A 162 -7.14 -1.59 -19.95
C LYS A 162 -7.97 -0.36 -20.26
N GLU A 163 -8.78 0.05 -19.30
CA GLU A 163 -9.65 1.22 -19.46
C GLU A 163 -8.86 2.48 -19.79
N THR A 164 -7.76 2.69 -19.07
CA THR A 164 -6.92 3.88 -19.28
C THR A 164 -6.34 3.89 -20.69
N TYR A 165 -5.77 2.77 -21.12
CA TYR A 165 -5.19 2.71 -22.46
C TYR A 165 -6.25 2.83 -23.55
N ALA A 166 -7.39 2.18 -23.35
CA ALA A 166 -8.46 2.24 -24.32
C ALA A 166 -9.02 3.65 -24.47
N SER A 167 -8.82 4.48 -23.45
CA SER A 167 -9.34 5.85 -23.49
C SER A 167 -8.34 6.91 -23.96
N MET A 168 -7.11 6.50 -24.24
CA MET A 168 -6.09 7.45 -24.70
C MET A 168 -6.27 7.74 -26.18
N PRO A 169 -5.75 8.88 -26.64
CA PRO A 169 -5.85 9.22 -28.06
C PRO A 169 -4.82 8.33 -28.77
N GLU A 170 -4.90 8.22 -30.10
CA GLU A 170 -3.95 7.37 -30.85
C GLU A 170 -2.48 7.70 -30.65
N ASP A 171 -2.10 8.94 -30.87
CA ASP A 171 -0.69 9.36 -30.72
C ASP A 171 -0.11 8.76 -29.44
N GLU A 172 -0.87 8.90 -28.36
CA GLU A 172 -0.44 8.41 -27.04
C GLU A 172 -0.55 6.91 -26.86
N ARG A 173 -1.67 6.32 -27.26
CA ARG A 173 -1.88 4.89 -27.08
C ARG A 173 -0.76 3.98 -27.59
N GLU A 174 -0.12 4.36 -28.70
CA GLU A 174 0.96 3.54 -29.24
C GLU A 174 2.34 4.13 -28.95
N ASN A 175 2.41 5.00 -27.95
CA ASN A 175 3.67 5.62 -27.55
C ASN A 175 3.63 5.88 -26.05
N ALA A 176 3.07 4.92 -25.31
CA ALA A 176 2.95 5.05 -23.87
C ALA A 176 3.85 4.09 -23.11
N MET A 177 4.15 4.43 -21.87
CA MET A 177 4.98 3.62 -21.00
C MET A 177 4.25 3.43 -19.67
N LEU A 178 4.09 2.16 -19.27
CA LEU A 178 3.44 1.82 -18.02
C LEU A 178 4.48 1.66 -16.93
N ILE A 179 4.34 2.45 -15.86
CA ILE A 179 5.27 2.37 -14.74
C ILE A 179 4.57 1.78 -13.52
N VAL A 180 5.00 0.60 -13.11
CA VAL A 180 4.44 -0.11 -11.96
C VAL A 180 5.36 0.13 -10.77
N SER A 181 4.81 0.63 -9.67
CA SER A 181 5.64 0.93 -8.51
C SER A 181 5.09 0.53 -7.16
N ALA A 182 5.99 0.58 -6.16
CA ALA A 182 5.65 0.27 -4.78
C ALA A 182 6.51 1.21 -3.93
N HIS A 183 6.30 1.21 -2.62
CA HIS A 183 7.07 2.08 -1.76
C HIS A 183 8.50 1.56 -1.64
N SER A 184 9.47 2.44 -1.81
CA SER A 184 10.87 2.06 -1.69
C SER A 184 11.17 1.65 -0.24
N LEU A 185 12.21 0.86 -0.05
CA LEU A 185 12.66 0.42 1.27
C LEU A 185 14.18 0.42 1.24
N PRO A 186 14.82 0.50 2.42
CA PRO A 186 16.29 0.49 2.41
C PRO A 186 16.82 -0.76 1.70
N GLU A 187 17.91 -0.59 0.96
CA GLU A 187 18.51 -1.71 0.25
C GLU A 187 18.97 -2.80 1.22
N LYS A 188 19.22 -2.41 2.46
CA LYS A 188 19.68 -3.37 3.47
C LYS A 188 18.72 -4.51 3.74
N ILE A 189 17.52 -4.48 3.16
CA ILE A 189 16.59 -5.58 3.36
C ILE A 189 17.20 -6.84 2.76
N LYS A 190 18.18 -6.66 1.87
CA LYS A 190 18.82 -7.81 1.22
C LYS A 190 19.55 -8.69 2.23
N GLU A 191 19.91 -8.12 3.38
CA GLU A 191 20.60 -8.90 4.39
C GLU A 191 19.66 -9.97 4.95
N PHE A 192 18.37 -9.84 4.68
CA PHE A 192 17.38 -10.81 5.18
C PHE A 192 16.76 -11.66 4.06
N GLY A 193 17.27 -11.53 2.84
CA GLY A 193 16.75 -12.29 1.71
C GLY A 193 15.32 -11.88 1.35
N ASP A 194 15.00 -10.63 1.63
CA ASP A 194 13.68 -10.06 1.38
C ASP A 194 13.27 -10.17 -0.09
N PRO A 195 12.14 -10.85 -0.37
CA PRO A 195 11.65 -11.02 -1.75
C PRO A 195 10.86 -9.82 -2.30
N TYR A 196 10.70 -8.79 -1.49
CA TYR A 196 9.95 -7.60 -1.89
C TYR A 196 10.20 -7.15 -3.34
N PRO A 197 11.47 -6.98 -3.74
CA PRO A 197 11.75 -6.55 -5.11
C PRO A 197 11.22 -7.55 -6.16
N ASP A 198 11.40 -8.83 -5.88
CA ASP A 198 10.94 -9.88 -6.79
C ASP A 198 9.43 -9.86 -6.93
N GLN A 199 8.73 -9.63 -5.82
CA GLN A 199 7.27 -9.60 -5.85
C GLN A 199 6.72 -8.40 -6.62
N LEU A 200 7.38 -7.25 -6.52
CA LEU A 200 6.94 -6.09 -7.26
C LEU A 200 7.10 -6.38 -8.74
N HIS A 201 8.22 -7.00 -9.09
CA HIS A 201 8.48 -7.32 -10.50
C HIS A 201 7.44 -8.29 -11.06
N GLU A 202 7.07 -9.29 -10.28
CA GLU A 202 6.09 -10.27 -10.71
C GLU A 202 4.72 -9.62 -10.81
N SER A 203 4.44 -8.75 -9.84
CA SER A 203 3.17 -8.03 -9.81
C SER A 203 3.04 -7.20 -11.09
N ALA A 204 4.16 -6.58 -11.50
CA ALA A 204 4.16 -5.75 -12.71
C ALA A 204 3.93 -6.59 -13.96
N LYS A 205 4.60 -7.74 -14.01
CA LYS A 205 4.46 -8.65 -15.15
C LYS A 205 3.02 -9.12 -15.28
N LEU A 206 2.44 -9.58 -14.17
CA LEU A 206 1.06 -10.06 -14.16
C LEU A 206 0.10 -9.01 -14.68
N ILE A 207 0.29 -7.77 -14.24
CA ILE A 207 -0.61 -6.70 -14.66
C ILE A 207 -0.41 -6.29 -16.11
N ALA A 208 0.83 -6.04 -16.51
CA ALA A 208 1.10 -5.62 -17.88
C ALA A 208 0.64 -6.70 -18.86
N GLU A 209 1.02 -7.94 -18.58
CA GLU A 209 0.62 -9.05 -19.43
C GLU A 209 -0.89 -9.24 -19.51
N GLY A 210 -1.56 -9.08 -18.37
CA GLY A 210 -3.00 -9.24 -18.35
C GLY A 210 -3.67 -8.15 -19.18
N ALA A 211 -3.12 -6.94 -19.09
CA ALA A 211 -3.65 -5.79 -19.80
C ALA A 211 -3.23 -5.76 -21.27
N GLY A 212 -2.27 -6.62 -21.63
CA GLY A 212 -1.81 -6.62 -23.01
C GLY A 212 -0.94 -5.41 -23.30
N VAL A 213 -0.30 -4.89 -22.27
CA VAL A 213 0.59 -3.74 -22.40
C VAL A 213 2.01 -4.29 -22.50
N SER A 214 2.64 -4.10 -23.65
CA SER A 214 3.99 -4.61 -23.88
C SER A 214 5.09 -3.73 -23.31
N GLU A 215 4.88 -2.41 -23.31
CA GLU A 215 5.87 -1.48 -22.81
C GLU A 215 5.59 -1.08 -21.36
N TYR A 216 6.42 -1.57 -20.45
CA TYR A 216 6.25 -1.25 -19.03
C TYR A 216 7.58 -1.31 -18.30
N ALA A 217 7.65 -0.70 -17.13
CA ALA A 217 8.87 -0.68 -16.34
C ALA A 217 8.53 -0.68 -14.85
N VAL A 218 9.45 -1.16 -14.05
CA VAL A 218 9.27 -1.22 -12.61
C VAL A 218 10.06 -0.12 -11.92
N GLY A 219 9.42 0.61 -11.01
CA GLY A 219 10.11 1.67 -10.32
C GLY A 219 9.70 1.73 -8.86
N TRP A 220 10.43 2.49 -8.06
CA TRP A 220 10.13 2.65 -6.65
C TRP A 220 9.83 4.11 -6.35
N GLN A 221 9.16 4.38 -5.23
CA GLN A 221 8.83 5.75 -4.89
C GLN A 221 8.73 6.01 -3.40
N SER A 222 8.72 7.29 -3.06
CA SER A 222 8.55 7.75 -1.70
C SER A 222 9.60 7.36 -0.68
N GLU A 223 10.82 7.08 -1.13
CA GLU A 223 11.85 6.68 -0.18
C GLU A 223 11.95 7.70 0.95
N GLY A 224 12.22 7.20 2.15
CA GLY A 224 12.35 8.07 3.30
C GLY A 224 13.73 8.69 3.24
N ASN A 225 13.95 9.74 4.01
CA ASN A 225 15.25 10.41 4.00
C ASN A 225 16.16 9.97 5.15
N THR A 226 17.03 9.00 4.87
CA THR A 226 17.96 8.48 5.88
C THR A 226 19.36 8.38 5.30
N PRO A 227 20.37 8.06 6.13
CA PRO A 227 21.73 7.95 5.63
C PRO A 227 21.98 6.68 4.80
N ASP A 228 21.01 5.78 4.76
CA ASP A 228 21.16 4.54 4.00
C ASP A 228 20.49 4.64 2.62
N PRO A 229 21.03 3.92 1.63
CA PRO A 229 20.45 3.95 0.30
C PRO A 229 19.18 3.12 0.24
N TRP A 230 18.17 3.62 -0.49
CA TRP A 230 16.91 2.91 -0.63
C TRP A 230 16.77 2.37 -2.05
N LEU A 231 15.86 1.42 -2.23
CA LEU A 231 15.62 0.81 -3.54
C LEU A 231 15.33 1.80 -4.66
N GLY A 232 16.03 1.64 -5.77
CA GLY A 232 15.83 2.51 -6.92
C GLY A 232 15.62 1.67 -8.17
N PRO A 233 15.32 2.29 -9.31
CA PRO A 233 15.18 3.73 -9.51
C PRO A 233 13.87 4.31 -9.01
N ASP A 234 13.90 5.60 -8.69
CA ASP A 234 12.72 6.31 -8.22
C ASP A 234 11.90 6.66 -9.46
N VAL A 235 10.58 6.55 -9.36
CA VAL A 235 9.69 6.83 -10.48
C VAL A 235 9.97 8.14 -11.21
N GLN A 236 10.43 9.16 -10.48
CA GLN A 236 10.72 10.45 -11.12
C GLN A 236 11.88 10.32 -12.10
N ASP A 237 12.96 9.68 -11.65
CA ASP A 237 14.13 9.50 -12.50
C ASP A 237 13.85 8.50 -13.62
N LEU A 238 13.14 7.43 -13.29
CA LEU A 238 12.81 6.40 -14.26
C LEU A 238 12.03 7.01 -15.42
N THR A 239 11.05 7.84 -15.09
CA THR A 239 10.23 8.50 -16.11
C THR A 239 11.10 9.29 -17.07
N ARG A 240 12.01 10.09 -16.52
CA ARG A 240 12.89 10.91 -17.35
C ARG A 240 13.82 10.06 -18.21
N ASP A 241 14.43 9.05 -17.62
CA ASP A 241 15.35 8.20 -18.37
C ASP A 241 14.64 7.54 -19.55
N LEU A 242 13.45 7.01 -19.31
CA LEU A 242 12.69 6.36 -20.36
C LEU A 242 12.27 7.34 -21.44
N PHE A 243 11.89 8.56 -21.04
CA PHE A 243 11.49 9.55 -22.02
C PHE A 243 12.67 9.90 -22.90
N GLU A 244 13.84 10.03 -22.29
CA GLU A 244 15.06 10.36 -23.00
C GLU A 244 15.45 9.27 -24.01
N GLN A 245 15.10 8.03 -23.71
CA GLN A 245 15.42 6.92 -24.60
C GLN A 245 14.43 6.67 -25.73
N LYS A 246 13.14 6.75 -25.44
CA LYS A 246 12.12 6.49 -26.46
C LYS A 246 11.16 7.64 -26.76
N GLY A 247 11.19 8.68 -25.94
CA GLY A 247 10.32 9.82 -26.15
C GLY A 247 8.84 9.56 -26.00
N TYR A 248 8.48 8.72 -25.04
CA TYR A 248 7.07 8.39 -24.81
C TYR A 248 6.20 9.64 -24.64
N GLN A 249 5.00 9.59 -25.21
CA GLN A 249 4.06 10.70 -25.15
C GLN A 249 3.10 10.62 -23.97
N ALA A 250 3.11 9.49 -23.28
CA ALA A 250 2.25 9.31 -22.12
C ALA A 250 2.81 8.28 -21.16
N PHE A 251 2.62 8.53 -19.87
CA PHE A 251 3.07 7.62 -18.84
C PHE A 251 1.88 7.27 -17.98
N VAL A 252 1.71 5.98 -17.71
CA VAL A 252 0.61 5.49 -16.89
C VAL A 252 1.21 4.90 -15.62
N TYR A 253 0.86 5.49 -14.48
CA TYR A 253 1.39 5.01 -13.22
C TYR A 253 0.44 4.11 -12.46
N VAL A 254 0.93 2.92 -12.13
CA VAL A 254 0.17 1.96 -11.36
C VAL A 254 0.96 1.70 -10.09
N PRO A 255 0.65 2.45 -9.01
CA PRO A 255 1.33 2.31 -7.72
C PRO A 255 0.73 1.10 -7.01
N VAL A 256 0.90 -0.06 -7.63
CA VAL A 256 0.35 -1.30 -7.12
C VAL A 256 0.69 -1.61 -5.66
N GLY A 257 1.80 -1.07 -5.17
CA GLY A 257 2.17 -1.34 -3.79
C GLY A 257 1.25 -0.62 -2.80
N PHE A 258 0.46 0.33 -3.29
CA PHE A 258 -0.43 1.11 -2.43
C PHE A 258 -1.89 0.73 -2.67
N VAL A 259 -2.71 0.80 -1.62
CA VAL A 259 -4.12 0.43 -1.74
C VAL A 259 -5.10 1.58 -1.60
N ALA A 260 -4.62 2.79 -1.37
CA ALA A 260 -5.53 3.91 -1.20
C ALA A 260 -4.98 5.28 -1.57
N ASP A 261 -5.89 6.24 -1.65
CA ASP A 261 -5.52 7.62 -1.98
C ASP A 261 -4.89 8.32 -0.78
N HIS A 262 -3.64 7.96 -0.49
CA HIS A 262 -2.91 8.58 0.61
C HIS A 262 -1.84 9.52 0.04
N LEU A 263 -0.97 10.02 0.90
CA LEU A 263 0.07 10.96 0.49
C LEU A 263 0.99 10.46 -0.63
N GLU A 264 1.41 9.21 -0.57
CA GLU A 264 2.32 8.68 -1.58
C GLU A 264 1.72 8.73 -2.98
N VAL A 265 0.44 8.44 -3.10
CA VAL A 265 -0.20 8.47 -4.41
C VAL A 265 -0.61 9.89 -4.83
N LEU A 266 -1.37 10.54 -3.97
CA LEU A 266 -1.85 11.89 -4.27
C LEU A 266 -0.74 12.93 -4.41
N TYR A 267 0.39 12.72 -3.74
CA TYR A 267 1.48 13.69 -3.86
C TYR A 267 2.65 13.16 -4.67
N ASP A 268 3.29 12.10 -4.20
CA ASP A 268 4.45 11.56 -4.89
C ASP A 268 4.18 11.14 -6.33
N ASN A 269 2.93 10.78 -6.64
CA ASN A 269 2.60 10.44 -8.02
C ASN A 269 1.89 11.61 -8.69
N ASP A 270 0.65 11.86 -8.27
CA ASP A 270 -0.17 12.90 -8.86
C ASP A 270 0.47 14.29 -8.94
N TYR A 271 1.39 14.60 -8.05
CA TYR A 271 2.07 15.88 -8.14
C TYR A 271 3.48 15.71 -8.69
N GLU A 272 4.35 15.00 -7.96
CA GLU A 272 5.73 14.83 -8.40
C GLU A 272 5.94 14.15 -9.76
N CYS A 273 5.17 13.11 -10.05
CA CYS A 273 5.33 12.44 -11.34
C CYS A 273 4.73 13.29 -12.46
N LYS A 274 3.71 14.07 -12.16
CA LYS A 274 3.11 14.92 -13.18
C LYS A 274 4.03 16.10 -13.46
N VAL A 275 4.82 16.48 -12.47
CA VAL A 275 5.77 17.57 -12.66
C VAL A 275 6.72 17.13 -13.76
N VAL A 276 7.16 15.87 -13.67
CA VAL A 276 8.07 15.34 -14.67
C VAL A 276 7.38 15.19 -16.04
N THR A 277 6.22 14.55 -16.06
CA THR A 277 5.52 14.37 -17.34
C THR A 277 5.23 15.73 -17.99
N ASP A 278 4.86 16.71 -17.16
CA ASP A 278 4.58 18.06 -17.65
C ASP A 278 5.85 18.64 -18.27
N ASP A 279 6.96 18.46 -17.57
CA ASP A 279 8.24 18.97 -18.00
C ASP A 279 8.73 18.40 -19.33
N ILE A 280 8.40 17.14 -19.63
CA ILE A 280 8.85 16.55 -20.89
C ILE A 280 7.73 16.53 -21.92
N GLY A 281 6.63 17.22 -21.63
CA GLY A 281 5.51 17.27 -22.57
C GLY A 281 4.76 15.97 -22.78
N ALA A 282 4.67 15.14 -21.74
CA ALA A 282 3.95 13.89 -21.87
C ALA A 282 2.68 13.94 -21.03
N SER A 283 1.69 13.14 -21.40
CA SER A 283 0.45 13.08 -20.65
C SER A 283 0.61 12.21 -19.42
N TYR A 284 -0.09 12.57 -18.35
CA TYR A 284 -0.02 11.84 -17.08
C TYR A 284 -1.29 11.05 -16.82
N TYR A 285 -1.14 9.76 -16.54
CA TYR A 285 -2.27 8.90 -16.24
C TYR A 285 -1.98 8.07 -14.99
N ARG A 286 -2.96 7.98 -14.10
CA ARG A 286 -2.80 7.22 -12.86
C ARG A 286 -4.20 6.70 -12.51
N PRO A 287 -4.48 5.43 -12.85
CA PRO A 287 -5.78 4.79 -12.58
C PRO A 287 -6.19 4.83 -11.11
N GLU A 288 -7.50 4.66 -10.89
CA GLU A 288 -8.07 4.67 -9.55
C GLU A 288 -7.42 3.66 -8.62
N MET A 289 -7.11 4.11 -7.40
CA MET A 289 -6.52 3.24 -6.40
C MET A 289 -7.66 2.37 -5.86
N PRO A 290 -7.35 1.19 -5.30
CA PRO A 290 -8.41 0.33 -4.79
C PRO A 290 -9.32 0.96 -3.73
N ASN A 291 -8.72 1.65 -2.77
CA ASN A 291 -9.49 2.26 -1.68
C ASN A 291 -10.43 1.22 -1.09
N ALA A 292 -11.69 1.56 -0.85
CA ALA A 292 -12.64 0.61 -0.27
C ALA A 292 -13.69 0.10 -1.26
N LYS A 293 -13.37 0.14 -2.56
CA LYS A 293 -14.29 -0.33 -3.59
C LYS A 293 -14.63 -1.81 -3.45
N PRO A 294 -15.91 -2.16 -3.65
CA PRO A 294 -16.41 -3.54 -3.56
C PRO A 294 -15.53 -4.57 -4.26
N GLU A 295 -15.09 -4.25 -5.47
CA GLU A 295 -14.24 -5.17 -6.21
C GLU A 295 -12.97 -5.52 -5.42
N PHE A 296 -12.35 -4.50 -4.84
CA PHE A 296 -11.14 -4.70 -4.07
C PHE A 296 -11.42 -5.47 -2.79
N ILE A 297 -12.50 -5.09 -2.09
CA ILE A 297 -12.86 -5.74 -0.84
C ILE A 297 -13.11 -7.24 -1.07
N ASP A 298 -13.76 -7.57 -2.19
CA ASP A 298 -14.03 -8.97 -2.48
C ASP A 298 -12.73 -9.72 -2.73
N ALA A 299 -11.73 -9.03 -3.30
CA ALA A 299 -10.44 -9.66 -3.55
C ALA A 299 -9.80 -9.96 -2.19
N LEU A 300 -9.88 -9.00 -1.26
CA LEU A 300 -9.31 -9.18 0.07
C LEU A 300 -10.00 -10.32 0.83
N ALA A 301 -11.33 -10.35 0.74
CA ALA A 301 -12.10 -11.39 1.40
C ALA A 301 -11.65 -12.77 0.89
N THR A 302 -11.45 -12.88 -0.41
CA THR A 302 -11.02 -14.13 -1.02
C THR A 302 -9.65 -14.53 -0.49
N VAL A 303 -8.75 -13.55 -0.36
CA VAL A 303 -7.42 -13.79 0.17
C VAL A 303 -7.53 -14.37 1.58
N VAL A 304 -8.38 -13.76 2.39
CA VAL A 304 -8.56 -14.20 3.79
C VAL A 304 -9.18 -15.60 3.87
N LEU A 305 -10.20 -15.85 3.08
CA LEU A 305 -10.83 -17.16 3.10
C LEU A 305 -9.88 -18.24 2.61
N LYS A 306 -9.10 -17.95 1.57
CA LYS A 306 -8.15 -18.91 1.05
C LYS A 306 -7.12 -19.25 2.12
N LYS A 307 -6.68 -18.23 2.85
CA LYS A 307 -5.69 -18.43 3.91
C LYS A 307 -6.25 -19.38 4.96
N LEU A 308 -7.55 -19.28 5.20
CA LEU A 308 -8.21 -20.13 6.19
C LEU A 308 -8.70 -21.45 5.61
N GLY A 309 -8.26 -21.78 4.40
CA GLY A 309 -8.67 -23.02 3.77
C GLY A 309 -10.14 -23.02 3.42
N ARG A 310 -10.72 -21.83 3.34
CA ARG A 310 -12.13 -21.67 3.01
C ARG A 310 -12.29 -21.08 1.60
#